data_5KF2
#
_entry.id   5KF2
#
_cell.length_a   119.790
_cell.length_b   43.092
_cell.length_c   74.430
_cell.angle_alpha   90.00
_cell.angle_beta   120.85
_cell.angle_gamma   90.00
#
_symmetry.space_group_name_H-M   'C 1 2 1'
#
loop_
_entity.id
_entity.type
_entity.pdbx_description
1 polymer 'Predicted acetyltransferase'
2 non-polymer 'COENZYME A'
3 non-polymer 'ACETYL COENZYME *A'
4 non-polymer 1,2-ETHANEDIOL
5 non-polymer 'PHOSPHATE ION'
6 water water
#
_entity_poly.entity_id   1
_entity_poly.type   'polypeptide(L)'
_entity_poly.pdbx_seq_one_letter_code
;MEIKETYDFSSIVDLWNKNIGTVYPMNLELFKQNYINDRQRKKIMGAFNGEILIGFVIYKQWTYKSGSLKPNHKIGYINS
IIVDINFRHQGIGTKLLDAAEEELINSGVKILRCGSDTYHFFPGIPLECLPSEEFFLVRGYKMQDYFYDLIGDVSKVDFK
KPSIKDGFKVNVMKPEDRKGLFEFLEKSFSGRWLEEFIEFFQVGMKERDIVLIKYKTSVIGFSHIYDNKSSFIGPPIYWK
ALLGHNYGGLGPIGIDKTYRKQGLGRLLLYESLQILKKREVKKMVIDWTEKDIINFYGRFNFMPWKAYRKATKEVKDGKG
GGHHHHHH
;
_entity_poly.pdbx_strand_id   A
#
# COMPACT_ATOMS: atom_id res chain seq x y z
N MET A 1 4.07 17.41 29.37
CA MET A 1 4.08 16.45 28.24
C MET A 1 5.39 15.70 28.07
N GLU A 2 5.29 14.41 27.79
CA GLU A 2 6.46 13.59 27.57
C GLU A 2 6.39 12.86 26.22
N ILE A 3 7.50 12.80 25.49
CA ILE A 3 7.66 11.90 24.34
C ILE A 3 8.34 10.59 24.79
N LYS A 4 7.69 9.45 24.54
CA LYS A 4 8.26 8.15 24.83
C LYS A 4 7.63 7.07 23.94
N GLU A 5 8.30 5.93 23.79
CA GLU A 5 7.79 4.81 23.03
C GLU A 5 6.44 4.30 23.58
N THR A 6 5.53 3.92 22.67
CA THR A 6 4.27 3.26 23.02
C THR A 6 3.92 2.15 22.03
N TYR A 7 3.49 1.01 22.56
CA TYR A 7 2.96 -0.14 21.81
C TYR A 7 1.54 -0.47 22.31
N ASP A 8 0.87 0.54 22.83
CA ASP A 8 -0.57 0.48 23.10
C ASP A 8 -1.44 0.70 21.84
N PHE A 9 -1.56 -0.39 21.08
CA PHE A 9 -2.21 -0.37 19.79
C PHE A 9 -3.65 0.14 19.86
N SER A 10 -4.44 -0.24 20.86
CA SER A 10 -5.83 0.24 20.97
CA SER A 10 -5.83 0.23 20.89
C SER A 10 -5.91 1.74 21.10
N SER A 11 -5.05 2.29 21.96
CA SER A 11 -5.01 3.74 22.13
C SER A 11 -4.60 4.47 20.88
N ILE A 12 -3.62 3.92 20.16
CA ILE A 12 -3.15 4.51 18.92
C ILE A 12 -4.33 4.49 17.90
N VAL A 13 -4.91 3.32 17.71
CA VAL A 13 -6.05 3.12 16.82
C VAL A 13 -7.23 4.02 17.18
N ASP A 14 -7.53 4.16 18.47
CA ASP A 14 -8.60 5.05 18.88
C ASP A 14 -8.29 6.48 18.51
N LEU A 15 -7.04 6.92 18.71
CA LEU A 15 -6.70 8.30 18.37
C LEU A 15 -6.77 8.48 16.85
N TRP A 16 -6.28 7.47 16.13
CA TRP A 16 -6.29 7.49 14.66
C TRP A 16 -7.73 7.74 14.18
N ASN A 17 -8.65 6.93 14.67
CA ASN A 17 -10.05 7.06 14.27
C ASN A 17 -10.78 8.33 14.65
N LYS A 18 -10.58 8.79 15.88
CA LYS A 18 -11.13 10.04 16.30
C LYS A 18 -10.69 11.18 15.38
N ASN A 19 -9.43 11.17 14.93
CA ASN A 19 -8.93 12.28 14.16
C ASN A 19 -9.17 12.15 12.64
N ILE A 20 -8.89 11.00 12.06
CA ILE A 20 -8.99 10.80 10.63
C ILE A 20 -9.87 9.64 10.15
N GLY A 21 -10.63 9.04 11.05
CA GLY A 21 -11.33 7.81 10.76
C GLY A 21 -12.47 7.94 9.77
N THR A 22 -12.97 9.16 9.52
CA THR A 22 -14.03 9.39 8.52
CA THR A 22 -14.06 9.32 8.54
C THR A 22 -13.57 8.94 7.13
N VAL A 23 -12.30 9.22 6.83
CA VAL A 23 -11.69 8.98 5.54
C VAL A 23 -10.62 7.91 5.51
N TYR A 24 -9.99 7.60 6.65
CA TYR A 24 -9.09 6.46 6.77
C TYR A 24 -9.52 5.64 7.97
N PRO A 25 -10.68 4.94 7.90
CA PRO A 25 -11.08 4.13 9.05
C PRO A 25 -10.10 3.00 9.38
N MET A 26 -9.58 2.98 10.62
CA MET A 26 -8.63 1.94 11.02
C MET A 26 -9.28 0.93 11.97
N ASN A 27 -8.83 -0.31 11.87
CA ASN A 27 -9.18 -1.37 12.80
C ASN A 27 -7.88 -2.02 13.28
N LEU A 28 -7.96 -2.60 14.48
CA LEU A 28 -6.82 -3.23 15.16
C LEU A 28 -6.19 -4.35 14.35
N GLU A 29 -7.04 -5.15 13.71
CA GLU A 29 -6.57 -6.21 12.84
C GLU A 29 -5.61 -5.68 11.80
N LEU A 30 -6.00 -4.61 11.07
CA LEU A 30 -5.08 -4.03 10.10
C LEU A 30 -3.81 -3.38 10.73
N PHE A 31 -4.01 -2.62 11.78
CA PHE A 31 -2.94 -1.93 12.41
C PHE A 31 -1.86 -2.90 12.90
N LYS A 32 -2.25 -3.94 13.61
CA LYS A 32 -1.31 -4.99 14.08
C LYS A 32 -0.71 -5.81 12.94
N GLN A 33 -1.52 -6.21 11.97
CA GLN A 33 -0.95 -6.91 10.83
C GLN A 33 0.25 -6.13 10.25
N ASN A 34 0.00 -4.85 9.95
CA ASN A 34 0.99 -4.05 9.27
C ASN A 34 2.17 -3.70 10.17
N TYR A 35 1.90 -3.31 11.40
CA TYR A 35 3.01 -2.93 12.27
C TYR A 35 3.85 -4.16 12.66
N ILE A 36 3.18 -5.20 13.14
CA ILE A 36 3.91 -6.36 13.65
C ILE A 36 4.68 -7.10 12.54
N ASN A 37 4.11 -7.24 11.35
CA ASN A 37 4.76 -8.02 10.30
C ASN A 37 5.91 -7.35 9.62
N ASP A 38 6.01 -6.02 9.78
CA ASP A 38 7.07 -5.30 9.12
C ASP A 38 8.42 -5.78 9.68
N ARG A 39 9.36 -5.98 8.76
CA ARG A 39 10.70 -6.43 9.09
C ARG A 39 11.77 -5.36 9.17
N GLN A 40 11.43 -4.08 8.95
CA GLN A 40 12.41 -3.01 8.99
C GLN A 40 12.65 -2.68 10.44
N ARG A 41 13.76 -2.00 10.76
CA ARG A 41 13.93 -1.32 12.04
C ARG A 41 12.83 -0.24 12.18
N LYS A 42 12.05 -0.31 13.27
CA LYS A 42 10.76 0.40 13.37
C LYS A 42 10.56 0.80 14.82
N LYS A 43 9.85 1.91 15.02
CA LYS A 43 9.48 2.39 16.33
C LYS A 43 8.19 3.18 16.24
N ILE A 44 7.49 3.22 17.36
CA ILE A 44 6.39 4.15 17.56
C ILE A 44 6.75 5.01 18.76
N MET A 45 6.78 6.32 18.57
CA MET A 45 6.88 7.31 19.64
C MET A 45 5.56 8.04 19.85
N GLY A 46 5.17 8.12 21.11
CA GLY A 46 3.99 8.83 21.56
C GLY A 46 4.29 10.06 22.36
N ALA A 47 3.32 10.97 22.32
CA ALA A 47 3.31 12.19 23.09
C ALA A 47 2.22 12.01 24.12
N PHE A 48 2.54 12.31 25.38
CA PHE A 48 1.67 11.94 26.50
C PHE A 48 1.45 13.14 27.40
N ASN A 49 0.22 13.28 27.86
CA ASN A 49 -0.11 14.15 28.97
C ASN A 49 -0.45 13.25 30.14
N GLY A 50 0.53 13.00 30.99
CA GLY A 50 0.36 12.01 32.02
C GLY A 50 0.14 10.72 31.32
N GLU A 51 -0.96 10.05 31.66
CA GLU A 51 -1.28 8.79 31.07
C GLU A 51 -2.00 8.90 29.73
N ILE A 52 -2.35 10.11 29.29
CA ILE A 52 -3.17 10.23 28.09
C ILE A 52 -2.29 10.40 26.84
N LEU A 53 -2.44 9.48 25.88
CA LEU A 53 -1.83 9.62 24.55
C LEU A 53 -2.51 10.76 23.80
N ILE A 54 -1.76 11.76 23.38
CA ILE A 54 -2.30 12.86 22.59
C ILE A 54 -1.66 12.95 21.21
N GLY A 55 -0.69 12.10 20.87
CA GLY A 55 -0.20 12.01 19.47
C GLY A 55 0.85 10.92 19.34
N PHE A 56 1.16 10.52 18.11
CA PHE A 56 2.17 9.53 17.85
C PHE A 56 2.80 9.71 16.46
N VAL A 57 4.00 9.14 16.33
CA VAL A 57 4.67 8.96 15.06
C VAL A 57 5.22 7.55 14.91
N ILE A 58 5.11 6.99 13.71
CA ILE A 58 5.57 5.64 13.40
C ILE A 58 6.62 5.80 12.33
N TYR A 59 7.81 5.26 12.56
CA TYR A 59 8.93 5.51 11.64
C TYR A 59 9.86 4.31 11.45
N LYS A 60 10.53 4.23 10.30
CA LYS A 60 11.25 3.02 9.92
C LYS A 60 12.52 3.37 9.22
N GLN A 61 13.55 2.51 9.37
CA GLN A 61 14.71 2.60 8.51
C GLN A 61 14.73 1.37 7.60
N TRP A 62 15.12 1.57 6.34
CA TRP A 62 15.16 0.44 5.42
C TRP A 62 16.38 -0.45 5.74
N THR A 63 16.15 -1.47 6.55
CA THR A 63 17.21 -2.35 7.00
C THR A 63 17.02 -3.80 6.52
N TYR A 64 15.92 -4.13 5.85
CA TYR A 64 15.65 -5.49 5.40
C TYR A 64 15.43 -5.52 3.90
N LYS A 65 15.95 -6.57 3.28
CA LYS A 65 16.01 -6.68 1.81
C LYS A 65 14.62 -6.52 1.16
N SER A 66 14.59 -6.08 -0.11
CA SER A 66 13.37 -6.15 -0.92
CA SER A 66 13.38 -6.13 -0.93
C SER A 66 13.63 -6.97 -2.18
N GLY A 67 13.23 -8.24 -2.18
CA GLY A 67 13.46 -9.16 -3.28
C GLY A 67 14.97 -9.26 -3.51
N SER A 68 15.37 -9.10 -4.76
CA SER A 68 16.78 -9.02 -5.11
C SER A 68 17.39 -7.65 -4.73
N LEU A 69 16.60 -6.66 -4.35
CA LEU A 69 17.14 -5.39 -3.84
C LEU A 69 17.71 -5.49 -2.42
N LYS A 70 18.99 -5.19 -2.27
CA LYS A 70 19.58 -4.89 -0.97
C LYS A 70 18.85 -3.73 -0.27
N PRO A 71 18.71 -3.81 1.07
CA PRO A 71 18.22 -2.62 1.79
C PRO A 71 19.17 -1.43 1.71
N ASN A 72 18.61 -0.25 1.53
CA ASN A 72 19.43 0.93 1.52
C ASN A 72 19.20 1.67 2.83
N HIS A 73 20.20 1.60 3.69
CA HIS A 73 20.13 2.16 5.04
C HIS A 73 20.09 3.68 5.05
N LYS A 74 20.43 4.29 3.92
CA LYS A 74 20.24 5.72 3.73
C LYS A 74 18.76 6.21 3.82
N ILE A 75 17.81 5.29 3.63
CA ILE A 75 16.40 5.65 3.49
C ILE A 75 15.64 5.38 4.79
N GLY A 76 14.92 6.38 5.26
CA GLY A 76 13.96 6.29 6.38
C GLY A 76 12.56 6.73 5.96
N TYR A 77 11.59 6.30 6.74
CA TYR A 77 10.18 6.54 6.43
C TYR A 77 9.42 7.03 7.64
N ILE A 78 8.54 7.98 7.35
CA ILE A 78 7.48 8.36 8.28
C ILE A 78 6.20 7.65 7.81
N ASN A 79 5.83 6.59 8.52
CA ASN A 79 4.74 5.73 8.15
C ASN A 79 3.45 6.53 8.38
N SER A 80 3.39 7.21 9.52
CA SER A 80 2.28 8.05 9.89
C SER A 80 2.62 8.94 11.07
N ILE A 81 1.89 10.04 11.18
CA ILE A 81 1.99 10.97 12.31
C ILE A 81 0.65 11.68 12.49
N ILE A 82 0.11 11.63 13.70
CA ILE A 82 -1.14 12.27 14.05
C ILE A 82 -0.98 12.88 15.46
N VAL A 83 -1.29 14.18 15.55
CA VAL A 83 -1.53 14.86 16.82
C VAL A 83 -3.02 15.02 17.05
N ASP A 84 -3.48 14.74 18.26
CA ASP A 84 -4.90 14.87 18.52
C ASP A 84 -5.35 16.32 18.25
N ILE A 85 -6.52 16.41 17.64
CA ILE A 85 -7.17 17.68 17.25
C ILE A 85 -7.34 18.71 18.39
N ASN A 86 -7.45 18.26 19.62
CA ASN A 86 -7.50 19.16 20.77
C ASN A 86 -6.15 19.66 21.24
N PHE A 87 -5.06 19.22 20.61
CA PHE A 87 -3.72 19.60 21.02
C PHE A 87 -2.85 20.10 19.86
N ARG A 88 -3.47 20.63 18.80
CA ARG A 88 -2.76 21.11 17.62
C ARG A 88 -2.09 22.45 17.85
N HIS A 89 -1.10 22.74 17.02
CA HIS A 89 -0.43 24.02 17.07
C HIS A 89 0.21 24.36 18.39
N GLN A 90 0.72 23.35 19.08
CA GLN A 90 1.42 23.53 20.33
C GLN A 90 2.85 23.01 20.19
N GLY A 91 3.33 22.70 18.98
CA GLY A 91 4.64 22.11 18.78
C GLY A 91 4.81 20.61 18.96
N ILE A 92 3.73 19.87 19.23
CA ILE A 92 3.82 18.45 19.52
C ILE A 92 4.21 17.62 18.31
N GLY A 93 3.57 17.89 17.17
CA GLY A 93 3.98 17.32 15.88
C GLY A 93 5.45 17.54 15.57
N THR A 94 5.92 18.79 15.69
CA THR A 94 7.37 19.06 15.61
C THR A 94 8.33 18.23 16.49
N LYS A 95 7.97 18.07 17.76
CA LYS A 95 8.78 17.30 18.69
C LYS A 95 8.79 15.81 18.38
N LEU A 96 7.62 15.29 18.05
CA LEU A 96 7.53 13.92 17.54
C LEU A 96 8.41 13.67 16.32
N LEU A 97 8.37 14.52 15.30
CA LEU A 97 9.12 14.33 14.08
C LEU A 97 10.60 14.60 14.26
N ASP A 98 10.93 15.51 15.16
CA ASP A 98 12.33 15.76 15.52
C ASP A 98 12.89 14.53 16.19
N ALA A 99 12.09 13.87 17.03
CA ALA A 99 12.59 12.67 17.73
C ALA A 99 12.85 11.51 16.73
N ALA A 100 11.90 11.32 15.83
CA ALA A 100 12.00 10.31 14.78
C ALA A 100 13.17 10.60 13.83
N GLU A 101 13.22 11.81 13.31
CA GLU A 101 14.24 12.14 12.38
C GLU A 101 15.64 12.07 13.04
N GLU A 102 15.75 12.53 14.28
CA GLU A 102 17.08 12.54 14.95
C GLU A 102 17.57 11.10 15.09
N GLU A 103 16.72 10.17 15.50
CA GLU A 103 17.11 8.78 15.55
C GLU A 103 17.54 8.19 14.22
N LEU A 104 16.80 8.49 13.15
CA LEU A 104 17.02 7.84 11.87
C LEU A 104 18.36 8.34 11.37
N ILE A 105 18.51 9.65 11.47
CA ILE A 105 19.74 10.34 11.12
C ILE A 105 21.00 9.83 11.82
N ASN A 106 20.94 9.66 13.14
CA ASN A 106 22.03 8.98 13.87
C ASN A 106 22.33 7.56 13.38
N SER A 107 21.33 6.89 12.80
CA SER A 107 21.48 5.51 12.34
C SER A 107 21.83 5.46 10.86
N GLY A 108 22.10 6.61 10.24
CA GLY A 108 22.64 6.64 8.86
C GLY A 108 21.71 7.17 7.79
N VAL A 109 20.49 7.51 8.18
CA VAL A 109 19.47 7.98 7.22
C VAL A 109 19.88 9.33 6.65
N LYS A 110 19.73 9.45 5.34
CA LYS A 110 19.95 10.69 4.61
C LYS A 110 18.76 11.11 3.71
N ILE A 111 17.78 10.22 3.49
CA ILE A 111 16.58 10.51 2.70
C ILE A 111 15.40 10.03 3.52
N LEU A 112 14.45 10.96 3.75
CA LEU A 112 13.29 10.71 4.58
C LEU A 112 12.06 10.84 3.66
N ARG A 113 11.21 9.82 3.69
CA ARG A 113 10.03 9.74 2.83
C ARG A 113 8.72 9.75 3.63
N CYS A 114 7.70 10.43 3.12
CA CYS A 114 6.40 10.37 3.72
C CYS A 114 5.60 9.22 3.15
N GLY A 115 5.23 8.28 4.02
CA GLY A 115 4.68 7.00 3.60
C GLY A 115 5.54 6.29 2.59
N SER A 116 4.90 5.48 1.75
CA SER A 116 5.58 4.57 0.82
C SER A 116 6.44 3.40 1.39
N ASP A 117 6.47 3.23 2.72
CA ASP A 117 7.21 2.15 3.39
C ASP A 117 6.64 0.79 3.02
N THR A 118 7.36 -0.27 3.37
CA THR A 118 6.76 -1.61 3.38
C THR A 118 5.69 -1.58 4.42
N TYR A 119 4.62 -2.33 4.23
CA TYR A 119 3.47 -2.31 5.14
C TYR A 119 2.95 -0.89 5.47
N HIS A 120 3.02 -0.04 4.47
CA HIS A 120 2.53 1.34 4.54
C HIS A 120 1.07 1.40 4.91
N PHE A 121 0.67 2.55 5.42
CA PHE A 121 -0.74 2.90 5.38
C PHE A 121 -1.04 3.85 4.21
N PHE A 122 -0.05 4.61 3.77
CA PHE A 122 -0.24 5.60 2.75
C PHE A 122 0.90 5.56 1.67
N PRO A 123 0.56 5.66 0.39
CA PRO A 123 1.62 5.83 -0.64
C PRO A 123 2.37 7.17 -0.55
N GLY A 124 1.75 8.13 0.13
CA GLY A 124 2.26 9.50 0.24
C GLY A 124 1.37 10.33 1.17
N ILE A 125 1.54 11.65 1.21
CA ILE A 125 0.63 12.48 2.03
C ILE A 125 -0.79 12.50 1.44
N PRO A 126 -1.78 11.92 2.16
CA PRO A 126 -3.12 11.91 1.56
C PRO A 126 -3.64 13.33 1.27
N LEU A 127 -4.39 13.48 0.19
CA LEU A 127 -5.15 14.67 -0.08
C LEU A 127 -6.05 15.13 1.10
N GLU A 128 -6.66 14.20 1.83
CA GLU A 128 -7.47 14.56 2.99
C GLU A 128 -6.62 15.19 4.11
N CYS A 129 -5.31 14.92 4.06
CA CYS A 129 -4.31 15.57 4.92
C CYS A 129 -3.50 16.66 4.23
N LEU A 130 -4.08 17.30 3.22
CA LEU A 130 -3.41 18.32 2.41
C LEU A 130 -2.81 19.43 3.30
N PRO A 131 -3.50 19.84 4.38
CA PRO A 131 -2.88 20.89 5.20
C PRO A 131 -1.54 20.52 5.82
N SER A 132 -1.32 19.23 6.04
CA SER A 132 -0.05 18.75 6.56
C SER A 132 1.10 18.95 5.59
N GLU A 133 0.84 19.13 4.29
CA GLU A 133 1.91 19.40 3.34
C GLU A 133 2.75 20.60 3.79
N GLU A 134 2.07 21.59 4.34
CA GLU A 134 2.75 22.79 4.82
C GLU A 134 3.58 22.47 6.05
N PHE A 135 3.07 21.62 6.95
CA PHE A 135 3.88 21.10 8.04
C PHE A 135 5.19 20.47 7.58
N PHE A 136 5.13 19.58 6.59
CA PHE A 136 6.30 18.90 6.09
C PHE A 136 7.19 19.89 5.36
N LEU A 137 6.61 20.79 4.58
CA LEU A 137 7.42 21.79 3.85
C LEU A 137 8.24 22.61 4.83
N VAL A 138 7.62 23.10 5.90
CA VAL A 138 8.31 23.88 6.92
C VAL A 138 9.54 23.12 7.46
N ARG A 139 9.47 21.78 7.52
CA ARG A 139 10.55 20.92 7.99
C ARG A 139 11.54 20.45 6.95
N GLY A 140 11.45 20.97 5.74
CA GLY A 140 12.38 20.60 4.71
C GLY A 140 11.99 19.49 3.77
N TYR A 141 10.75 19.02 3.77
CA TYR A 141 10.33 18.05 2.75
C TYR A 141 9.93 18.81 1.49
N LYS A 142 10.29 18.29 0.34
CA LYS A 142 9.82 18.77 -0.94
C LYS A 142 8.63 17.96 -1.41
N MET A 143 7.63 18.65 -1.95
CA MET A 143 6.44 17.98 -2.46
C MET A 143 6.65 17.54 -3.90
N GLN A 144 6.22 16.34 -4.29
CA GLN A 144 6.49 15.87 -5.64
C GLN A 144 5.16 15.58 -6.32
N ASP A 145 5.01 14.50 -7.08
CA ASP A 145 3.70 14.36 -7.71
C ASP A 145 2.83 13.33 -6.99
N TYR A 146 1.78 12.86 -7.65
CA TYR A 146 0.66 12.24 -6.97
C TYR A 146 0.52 10.79 -7.40
N PHE A 147 -0.01 9.98 -6.52
CA PHE A 147 -0.45 8.64 -6.85
C PHE A 147 -1.92 8.59 -6.46
N TYR A 148 -2.63 7.59 -6.97
CA TYR A 148 -4.10 7.49 -6.78
C TYR A 148 -4.56 6.07 -6.48
N ASP A 149 -5.46 5.94 -5.52
CA ASP A 149 -6.29 4.72 -5.44
C ASP A 149 -7.51 4.95 -6.31
N LEU A 150 -7.88 3.96 -7.10
CA LEU A 150 -9.04 4.00 -7.93
C LEU A 150 -10.16 3.15 -7.34
N ILE A 151 -11.41 3.49 -7.65
CA ILE A 151 -12.59 2.79 -7.13
C ILE A 151 -13.52 2.51 -8.30
N GLY A 152 -14.16 1.36 -8.26
CA GLY A 152 -15.13 0.96 -9.29
C GLY A 152 -16.10 -0.06 -8.66
N ASP A 153 -17.29 -0.22 -9.23
CA ASP A 153 -18.29 -1.17 -8.77
C ASP A 153 -18.47 -2.14 -9.95
N VAL A 154 -17.92 -3.32 -9.79
CA VAL A 154 -17.76 -4.28 -10.86
C VAL A 154 -19.08 -5.00 -11.17
N SER A 155 -20.03 -4.94 -10.23
CA SER A 155 -21.37 -5.43 -10.42
C SER A 155 -22.26 -4.57 -11.29
N LYS A 156 -21.85 -3.34 -11.62
CA LYS A 156 -22.72 -2.42 -12.35
C LYS A 156 -22.51 -2.38 -13.86
N VAL A 157 -21.44 -3.00 -14.34
CA VAL A 157 -21.04 -2.86 -15.73
C VAL A 157 -20.70 -4.24 -16.27
N ASP A 158 -20.87 -4.39 -17.57
CA ASP A 158 -20.44 -5.61 -18.28
C ASP A 158 -19.43 -5.15 -19.28
N PHE A 159 -18.46 -6.01 -19.53
CA PHE A 159 -17.52 -5.68 -20.60
CA PHE A 159 -17.27 -5.81 -20.35
C PHE A 159 -17.30 -6.85 -21.51
N LYS A 160 -16.82 -6.53 -22.70
CA LYS A 160 -16.61 -7.60 -23.69
C LYS A 160 -15.13 -7.95 -23.72
N LYS A 161 -14.84 -9.20 -24.03
CA LYS A 161 -13.53 -9.79 -23.81
C LYS A 161 -12.57 -9.24 -24.87
N PRO A 162 -11.39 -8.72 -24.50
CA PRO A 162 -10.42 -8.35 -25.55
C PRO A 162 -10.09 -9.55 -26.43
N SER A 163 -10.03 -9.34 -27.74
CA SER A 163 -9.98 -10.47 -28.68
C SER A 163 -8.70 -11.31 -28.52
N ILE A 164 -8.88 -12.56 -28.13
CA ILE A 164 -7.80 -13.49 -27.74
C ILE A 164 -7.04 -14.15 -28.90
N LYS A 165 -5.87 -13.63 -29.25
CA LYS A 165 -4.90 -14.42 -30.01
C LYS A 165 -4.60 -15.65 -29.19
N ASP A 166 -4.40 -16.76 -29.89
CA ASP A 166 -4.35 -18.07 -29.28
C ASP A 166 -3.00 -18.28 -28.62
N GLY A 167 -2.96 -19.16 -27.61
CA GLY A 167 -1.75 -19.51 -26.86
C GLY A 167 -1.68 -18.93 -25.45
N PHE A 168 -2.33 -17.79 -25.26
CA PHE A 168 -2.28 -17.08 -23.98
C PHE A 168 -3.42 -17.58 -23.08
N LYS A 169 -3.05 -18.09 -21.91
CA LYS A 169 -4.00 -18.63 -20.95
C LYS A 169 -3.95 -17.83 -19.66
N VAL A 170 -5.15 -17.49 -19.15
CA VAL A 170 -5.33 -16.74 -17.92
C VAL A 170 -6.10 -17.58 -16.90
N ASN A 171 -5.47 -17.86 -15.75
CA ASN A 171 -6.08 -18.70 -14.71
C ASN A 171 -5.61 -18.34 -13.31
N VAL A 172 -6.48 -18.56 -12.35
CA VAL A 172 -6.12 -18.59 -10.94
C VAL A 172 -4.93 -19.51 -10.69
N MET A 173 -4.02 -19.08 -9.82
CA MET A 173 -2.81 -19.83 -9.49
C MET A 173 -3.18 -21.11 -8.75
N LYS A 174 -2.38 -22.17 -8.97
CA LYS A 174 -2.30 -23.36 -8.08
C LYS A 174 -0.94 -23.52 -7.37
N PRO A 175 -0.84 -24.42 -6.35
CA PRO A 175 0.41 -24.52 -5.58
C PRO A 175 1.62 -24.83 -6.43
N GLU A 176 1.44 -25.70 -7.42
CA GLU A 176 2.53 -26.15 -8.28
C GLU A 176 3.08 -25.04 -9.19
N ASP A 177 2.40 -23.90 -9.21
CA ASP A 177 2.83 -22.77 -10.05
C ASP A 177 3.82 -21.86 -9.32
N ARG A 178 4.09 -22.12 -8.03
CA ARG A 178 4.92 -21.21 -7.23
C ARG A 178 6.33 -21.00 -7.72
N LYS A 179 7.04 -22.09 -8.03
CA LYS A 179 8.31 -21.93 -8.74
C LYS A 179 8.27 -21.05 -10.00
N GLY A 180 7.37 -21.35 -10.93
CA GLY A 180 7.30 -20.59 -12.17
C GLY A 180 6.95 -19.11 -11.92
N LEU A 181 6.02 -18.84 -11.01
CA LEU A 181 5.78 -17.47 -10.55
C LEU A 181 7.02 -16.76 -10.01
N PHE A 182 7.74 -17.41 -9.11
CA PHE A 182 8.94 -16.78 -8.57
C PHE A 182 10.03 -16.50 -9.61
N GLU A 183 10.20 -17.46 -10.52
CA GLU A 183 11.20 -17.29 -11.56
C GLU A 183 10.83 -16.16 -12.48
N PHE A 184 9.54 -16.02 -12.76
CA PHE A 184 9.07 -14.88 -13.57
C PHE A 184 9.29 -13.54 -12.82
N LEU A 185 9.04 -13.51 -11.50
CA LEU A 185 9.32 -12.32 -10.71
C LEU A 185 10.79 -11.90 -10.64
N GLU A 186 11.70 -12.85 -10.42
CA GLU A 186 13.15 -12.54 -10.42
C GLU A 186 13.64 -11.92 -11.72
N LYS A 187 12.95 -12.30 -12.78
CA LYS A 187 13.18 -11.81 -14.13
C LYS A 187 12.66 -10.38 -14.30
N SER A 188 11.38 -10.17 -14.00
CA SER A 188 10.66 -9.01 -14.43
C SER A 188 10.33 -7.98 -13.35
N PHE A 189 10.17 -8.45 -12.11
CA PHE A 189 9.70 -7.62 -11.01
C PHE A 189 10.35 -8.01 -9.71
N SER A 190 11.67 -7.88 -9.63
CA SER A 190 12.43 -8.66 -8.66
C SER A 190 12.76 -7.87 -7.40
N GLY A 191 12.21 -6.66 -7.32
CA GLY A 191 12.37 -5.83 -6.14
C GLY A 191 11.20 -6.03 -5.19
N ARG A 192 10.55 -4.94 -4.84
CA ARG A 192 9.48 -4.94 -3.82
C ARG A 192 8.37 -5.96 -4.10
N TRP A 193 7.97 -6.12 -5.37
CA TRP A 193 6.90 -7.06 -5.69
C TRP A 193 7.24 -8.52 -5.39
N LEU A 194 8.44 -8.95 -5.79
CA LEU A 194 8.95 -10.28 -5.43
C LEU A 194 8.88 -10.44 -3.92
N GLU A 195 9.48 -9.49 -3.22
CA GLU A 195 9.48 -9.52 -1.75
C GLU A 195 8.08 -9.63 -1.16
N GLU A 196 7.13 -8.88 -1.73
CA GLU A 196 5.75 -8.93 -1.26
C GLU A 196 5.14 -10.33 -1.45
N PHE A 197 5.45 -10.97 -2.58
CA PHE A 197 4.94 -12.32 -2.83
C PHE A 197 5.40 -13.33 -1.76
N ILE A 198 6.67 -13.20 -1.42
CA ILE A 198 7.32 -14.05 -0.42
C ILE A 198 6.64 -13.79 0.90
N GLU A 199 6.55 -12.52 1.26
CA GLU A 199 6.02 -12.17 2.57
C GLU A 199 4.54 -12.40 2.65
N PHE A 200 3.81 -12.09 1.58
CA PHE A 200 2.36 -12.22 1.63
C PHE A 200 1.92 -13.70 1.71
N PHE A 201 2.59 -14.61 1.03
CA PHE A 201 2.32 -16.02 1.26
C PHE A 201 2.60 -16.39 2.73
N GLN A 202 3.59 -15.78 3.37
CA GLN A 202 3.78 -15.98 4.81
C GLN A 202 2.70 -15.42 5.74
N VAL A 203 1.92 -14.43 5.29
CA VAL A 203 0.91 -13.85 6.17
C VAL A 203 -0.52 -14.08 5.70
N GLY A 204 -0.77 -15.09 4.87
CA GLY A 204 -2.13 -15.55 4.63
C GLY A 204 -2.72 -15.37 3.25
N MET A 205 -1.95 -14.86 2.29
CA MET A 205 -2.37 -14.89 0.90
C MET A 205 -2.37 -16.34 0.45
N LYS A 206 -3.37 -16.69 -0.35
CA LYS A 206 -3.61 -18.03 -0.82
C LYS A 206 -3.61 -17.94 -2.34
N GLU A 207 -3.43 -19.10 -2.96
CA GLU A 207 -3.39 -19.23 -4.41
C GLU A 207 -4.64 -18.66 -5.09
N ARG A 208 -5.79 -18.71 -4.42
CA ARG A 208 -7.02 -18.14 -5.00
C ARG A 208 -6.96 -16.61 -5.16
N ASP A 209 -6.09 -15.92 -4.42
CA ASP A 209 -5.90 -14.47 -4.59
C ASP A 209 -4.96 -14.09 -5.77
N ILE A 210 -4.46 -15.06 -6.54
CA ILE A 210 -3.51 -14.76 -7.60
C ILE A 210 -4.06 -15.26 -8.91
N VAL A 211 -4.02 -14.43 -9.94
CA VAL A 211 -4.37 -14.77 -11.32
C VAL A 211 -3.09 -14.76 -12.16
N LEU A 212 -2.89 -15.77 -12.99
CA LEU A 212 -1.69 -15.89 -13.79
C LEU A 212 -2.09 -15.87 -15.25
N ILE A 213 -1.21 -15.27 -16.05
CA ILE A 213 -1.27 -15.39 -17.49
C ILE A 213 -0.01 -16.16 -17.95
N LYS A 214 -0.20 -17.16 -18.81
CA LYS A 214 0.89 -17.95 -19.37
C LYS A 214 0.76 -17.96 -20.90
N TYR A 215 1.90 -18.02 -21.59
CA TYR A 215 1.94 -18.28 -23.03
C TYR A 215 2.49 -19.68 -23.03
N LYS A 216 1.65 -20.63 -23.40
CA LYS A 216 2.02 -22.04 -23.40
C LYS A 216 2.04 -22.44 -21.94
N THR A 217 3.23 -22.75 -21.42
CA THR A 217 3.43 -23.02 -20.00
C THR A 217 4.25 -21.96 -19.29
N SER A 218 4.81 -20.97 -19.99
CA SER A 218 5.57 -19.93 -19.29
C SER A 218 4.65 -18.86 -18.66
N VAL A 219 4.82 -18.65 -17.36
CA VAL A 219 4.17 -17.52 -16.69
C VAL A 219 4.70 -16.22 -17.27
N ILE A 220 3.79 -15.44 -17.88
CA ILE A 220 4.18 -14.14 -18.41
C ILE A 220 3.56 -12.91 -17.71
N GLY A 221 2.71 -13.14 -16.70
CA GLY A 221 2.20 -12.04 -15.90
C GLY A 221 1.28 -12.52 -14.79
N PHE A 222 0.86 -11.60 -13.93
CA PHE A 222 0.06 -11.93 -12.78
C PHE A 222 -0.80 -10.73 -12.37
N SER A 223 -1.84 -11.04 -11.63
CA SER A 223 -2.45 -10.03 -10.77
C SER A 223 -2.74 -10.67 -9.42
N HIS A 224 -2.91 -9.80 -8.42
CA HIS A 224 -3.41 -10.14 -7.08
C HIS A 224 -4.77 -9.50 -6.89
N ILE A 225 -5.74 -10.34 -6.52
CA ILE A 225 -7.13 -9.97 -6.31
C ILE A 225 -7.52 -10.25 -4.90
N TYR A 226 -8.44 -9.41 -4.43
CA TYR A 226 -8.96 -9.47 -3.07
C TYR A 226 -10.50 -9.50 -3.02
N ASP A 227 -11.02 -10.24 -2.04
CA ASP A 227 -12.43 -10.17 -1.70
C ASP A 227 -12.62 -10.31 -0.22
N ASN A 228 -13.84 -10.44 0.30
CA ASN A 228 -14.02 -10.52 1.72
C ASN A 228 -13.66 -11.86 2.33
N LYS A 229 -13.17 -12.82 1.56
CA LYS A 229 -12.59 -13.99 2.16
C LYS A 229 -11.06 -13.99 2.18
N SER A 230 -10.40 -12.98 1.62
CA SER A 230 -8.92 -12.95 1.67
C SER A 230 -8.45 -12.95 3.12
N SER A 231 -7.40 -13.69 3.44
CA SER A 231 -6.89 -13.65 4.84
C SER A 231 -5.96 -12.46 5.09
N PHE A 232 -5.20 -12.10 4.08
CA PHE A 232 -4.23 -11.03 4.20
C PHE A 232 -5.00 -9.72 3.88
N ILE A 233 -4.96 -8.72 4.73
CA ILE A 233 -5.45 -7.37 4.39
C ILE A 233 -4.42 -6.56 3.63
N GLY A 234 -4.45 -6.67 2.29
CA GLY A 234 -3.56 -5.91 1.40
C GLY A 234 -4.01 -4.50 1.07
N PRO A 235 -3.12 -3.69 0.50
CA PRO A 235 -3.48 -2.30 0.26
C PRO A 235 -4.81 -2.00 -0.45
N PRO A 236 -5.20 -2.76 -1.48
CA PRO A 236 -6.54 -2.49 -2.09
C PRO A 236 -7.74 -2.51 -1.12
N ILE A 237 -7.64 -3.29 -0.03
CA ILE A 237 -8.74 -3.43 0.94
C ILE A 237 -8.44 -2.87 2.31
N TYR A 238 -7.39 -2.06 2.45
CA TYR A 238 -7.21 -1.33 3.70
C TYR A 238 -8.46 -0.62 4.18
N TRP A 239 -9.11 0.12 3.29
CA TRP A 239 -10.19 1.00 3.68
C TRP A 239 -11.52 0.35 3.33
N LYS A 240 -11.56 -0.98 3.45
CA LYS A 240 -12.77 -1.80 3.28
C LYS A 240 -13.98 -1.33 4.05
N ALA A 241 -13.83 -0.71 5.20
CA ALA A 241 -15.03 -0.18 5.89
C ALA A 241 -15.73 0.90 5.08
N LEU A 242 -15.09 1.46 4.04
CA LEU A 242 -15.78 2.43 3.20
C LEU A 242 -16.46 1.79 2.00
N LEU A 243 -16.22 0.50 1.80
CA LEU A 243 -16.52 -0.14 0.53
C LEU A 243 -17.75 -1.04 0.58
N GLY A 244 -18.39 -1.09 1.75
CA GLY A 244 -19.62 -1.87 1.90
C GLY A 244 -19.43 -3.38 1.90
N HIS A 245 -20.53 -4.09 1.71
CA HIS A 245 -20.59 -5.54 1.77
C HIS A 245 -20.10 -6.00 0.41
N ASN A 246 -19.45 -7.15 0.40
CA ASN A 246 -18.96 -7.74 -0.85
C ASN A 246 -17.90 -6.85 -1.51
N TYR A 247 -17.05 -6.22 -0.70
CA TYR A 247 -15.93 -5.40 -1.16
C TYR A 247 -14.88 -6.27 -1.80
N GLY A 248 -14.01 -5.64 -2.58
CA GLY A 248 -12.85 -6.34 -3.15
C GLY A 248 -11.75 -5.38 -3.54
N GLY A 249 -10.81 -5.89 -4.33
CA GLY A 249 -9.66 -5.07 -4.73
C GLY A 249 -8.76 -5.77 -5.72
N LEU A 250 -7.87 -5.01 -6.30
CA LEU A 250 -6.92 -5.54 -7.24
C LEU A 250 -5.64 -4.72 -7.20
N GLY A 251 -4.52 -5.43 -7.22
CA GLY A 251 -3.20 -4.79 -7.42
C GLY A 251 -2.22 -5.51 -6.52
N PRO A 252 -0.97 -5.67 -6.97
CA PRO A 252 -0.48 -5.26 -8.27
C PRO A 252 -0.87 -6.16 -9.48
N ILE A 253 -0.50 -5.67 -10.65
CA ILE A 253 -0.71 -6.38 -11.92
C ILE A 253 0.53 -6.09 -12.81
N GLY A 254 1.01 -7.09 -13.53
CA GLY A 254 2.22 -6.95 -14.32
C GLY A 254 2.33 -7.99 -15.40
N ILE A 255 3.01 -7.61 -16.47
CA ILE A 255 3.23 -8.42 -17.66
C ILE A 255 4.71 -8.30 -18.00
N ASP A 256 5.32 -9.45 -18.30
CA ASP A 256 6.68 -9.54 -18.85
C ASP A 256 6.89 -8.47 -19.91
N LYS A 257 7.97 -7.69 -19.81
CA LYS A 257 8.27 -6.58 -20.74
C LYS A 257 8.22 -6.93 -22.23
N THR A 258 8.67 -8.13 -22.57
CA THR A 258 8.75 -8.49 -23.98
C THR A 258 7.37 -8.78 -24.52
N TYR A 259 6.36 -8.85 -23.66
CA TYR A 259 4.96 -9.09 -24.03
C TYR A 259 4.04 -7.87 -23.89
N ARG A 260 4.61 -6.69 -23.65
CA ARG A 260 3.79 -5.50 -23.33
C ARG A 260 3.21 -4.81 -24.57
N LYS A 261 2.21 -3.97 -24.36
CA LYS A 261 1.57 -3.26 -25.47
C LYS A 261 1.07 -4.13 -26.64
N GLN A 262 0.64 -5.36 -26.32
CA GLN A 262 0.01 -6.28 -27.26
C GLN A 262 -1.40 -6.60 -26.82
N GLY A 263 -1.99 -5.87 -25.87
CA GLY A 263 -3.32 -6.22 -25.38
C GLY A 263 -3.40 -7.26 -24.29
N LEU A 264 -2.25 -7.76 -23.83
CA LEU A 264 -2.30 -8.82 -22.84
C LEU A 264 -2.62 -8.33 -21.42
N GLY A 265 -2.14 -7.15 -21.07
CA GLY A 265 -2.46 -6.59 -19.73
C GLY A 265 -3.95 -6.35 -19.64
N ARG A 266 -4.51 -5.79 -20.71
CA ARG A 266 -5.94 -5.67 -20.79
C ARG A 266 -6.69 -7.00 -20.65
N LEU A 267 -6.19 -8.05 -21.30
CA LEU A 267 -6.83 -9.33 -21.16
C LEU A 267 -6.75 -9.80 -19.70
N LEU A 268 -5.54 -9.70 -19.14
CA LEU A 268 -5.35 -10.10 -17.74
C LEU A 268 -6.29 -9.35 -16.79
N LEU A 269 -6.44 -8.04 -17.01
CA LEU A 269 -7.29 -7.22 -16.13
C LEU A 269 -8.73 -7.61 -16.35
N TYR A 270 -9.11 -7.75 -17.62
CA TYR A 270 -10.45 -8.23 -17.92
C TYR A 270 -10.77 -9.53 -17.15
N GLU A 271 -9.88 -10.51 -17.23
CA GLU A 271 -10.19 -11.82 -16.63
C GLU A 271 -10.21 -11.78 -15.10
N SER A 272 -9.26 -11.03 -14.56
CA SER A 272 -9.23 -10.79 -13.10
C SER A 272 -10.55 -10.21 -12.57
N LEU A 273 -11.06 -9.22 -13.29
CA LEU A 273 -12.30 -8.55 -12.88
C LEU A 273 -13.51 -9.47 -13.06
N GLN A 274 -13.56 -10.27 -14.11
CA GLN A 274 -14.64 -11.29 -14.25
C GLN A 274 -14.65 -12.29 -13.09
N ILE A 275 -13.46 -12.74 -12.69
CA ILE A 275 -13.37 -13.58 -11.49
C ILE A 275 -14.02 -12.91 -10.26
N LEU A 276 -13.67 -11.64 -10.05
CA LEU A 276 -14.22 -10.90 -8.91
C LEU A 276 -15.72 -10.74 -9.02
N LYS A 277 -16.17 -10.47 -10.25
CA LYS A 277 -17.59 -10.29 -10.52
C LYS A 277 -18.29 -11.60 -10.13
N LYS A 278 -17.74 -12.73 -10.57
CA LYS A 278 -18.35 -14.05 -10.27
C LYS A 278 -18.26 -14.39 -8.80
N ARG A 279 -17.23 -13.90 -8.11
CA ARG A 279 -17.22 -13.88 -6.63
C ARG A 279 -18.19 -12.94 -5.94
N GLU A 280 -19.02 -12.26 -6.72
CA GLU A 280 -20.04 -11.34 -6.26
C GLU A 280 -19.50 -10.04 -5.65
N VAL A 281 -18.29 -9.66 -6.02
CA VAL A 281 -17.70 -8.40 -5.55
C VAL A 281 -18.50 -7.23 -6.14
N LYS A 282 -18.63 -6.18 -5.35
CA LYS A 282 -19.28 -4.95 -5.82
C LYS A 282 -18.26 -3.82 -5.92
N LYS A 283 -18.14 -2.99 -4.89
CA LYS A 283 -17.14 -1.93 -4.87
C LYS A 283 -15.76 -2.49 -4.61
N MET A 284 -14.78 -2.01 -5.37
CA MET A 284 -13.42 -2.46 -5.20
C MET A 284 -12.45 -1.38 -5.63
N VAL A 285 -11.20 -1.52 -5.18
CA VAL A 285 -10.22 -0.45 -5.26
C VAL A 285 -9.01 -1.05 -5.95
N ILE A 286 -8.35 -0.23 -6.75
CA ILE A 286 -7.02 -0.50 -7.33
C ILE A 286 -6.06 0.53 -6.71
N ASP A 287 -5.09 0.08 -5.91
CA ASP A 287 -4.34 0.98 -5.05
C ASP A 287 -3.11 1.54 -5.78
N TRP A 288 -2.65 2.72 -5.36
CA TRP A 288 -1.31 3.23 -5.65
C TRP A 288 -0.93 3.18 -7.14
N THR A 289 -1.71 3.91 -7.93
CA THR A 289 -1.54 4.05 -9.37
C THR A 289 -0.94 5.39 -9.73
N GLU A 290 -0.20 5.40 -10.84
CA GLU A 290 0.31 6.64 -11.38
C GLU A 290 -0.66 7.27 -12.36
N LYS A 291 -0.53 8.57 -12.55
CA LYS A 291 -1.42 9.30 -13.44
C LYS A 291 -1.56 8.68 -14.82
N ASP A 292 -0.39 8.37 -15.38
CA ASP A 292 -0.32 7.93 -16.78
C ASP A 292 -0.94 6.56 -16.97
N ILE A 293 -1.21 5.82 -15.91
CA ILE A 293 -1.86 4.51 -16.07
C ILE A 293 -3.35 4.48 -15.75
N ILE A 294 -3.90 5.61 -15.32
CA ILE A 294 -5.30 5.63 -14.89
C ILE A 294 -6.25 5.10 -15.97
N ASN A 295 -6.09 5.58 -17.20
CA ASN A 295 -6.99 5.23 -18.31
C ASN A 295 -7.03 3.73 -18.61
N PHE A 296 -5.96 3.00 -18.34
CA PHE A 296 -5.90 1.52 -18.42
C PHE A 296 -7.04 0.89 -17.60
N TYR A 297 -7.18 1.37 -16.37
CA TYR A 297 -8.25 0.92 -15.54
C TYR A 297 -9.58 1.61 -15.82
N GLY A 298 -9.48 2.87 -16.25
CA GLY A 298 -10.66 3.71 -16.51
C GLY A 298 -11.55 3.14 -17.60
N ARG A 299 -10.95 2.41 -18.55
CA ARG A 299 -11.71 1.67 -19.55
C ARG A 299 -12.68 0.69 -18.94
N PHE A 300 -12.34 0.18 -17.75
CA PHE A 300 -13.19 -0.73 -17.00
C PHE A 300 -14.03 -0.06 -15.91
N ASN A 301 -14.17 1.26 -16.03
CA ASN A 301 -15.08 2.07 -15.21
C ASN A 301 -14.53 2.43 -13.83
N PHE A 302 -13.22 2.30 -13.66
CA PHE A 302 -12.56 2.76 -12.45
C PHE A 302 -12.28 4.25 -12.53
N MET A 303 -12.38 4.90 -11.38
CA MET A 303 -12.21 6.36 -11.24
C MET A 303 -11.27 6.69 -10.10
N PRO A 304 -10.42 7.70 -10.22
CA PRO A 304 -9.66 8.10 -9.02
C PRO A 304 -10.55 8.35 -7.83
N TRP A 305 -10.12 7.87 -6.66
CA TRP A 305 -10.91 7.93 -5.44
C TRP A 305 -10.13 8.69 -4.35
N LYS A 306 -8.86 8.34 -4.18
CA LYS A 306 -8.00 9.01 -3.18
C LYS A 306 -6.69 9.35 -3.89
N ALA A 307 -6.08 10.44 -3.44
CA ALA A 307 -4.86 10.94 -4.01
C ALA A 307 -3.83 11.13 -2.90
N TYR A 308 -2.57 10.89 -3.24
CA TYR A 308 -1.50 10.98 -2.27
C TYR A 308 -0.34 11.67 -2.93
N ARG A 309 0.29 12.58 -2.18
CA ARG A 309 1.51 13.27 -2.64
C ARG A 309 2.79 12.67 -2.10
N LYS A 310 3.67 12.24 -3.01
CA LYS A 310 5.03 11.89 -2.68
C LYS A 310 5.73 13.10 -2.09
N ALA A 311 6.47 12.92 -1.01
CA ALA A 311 7.24 13.97 -0.42
C ALA A 311 8.50 13.36 0.25
N THR A 312 9.62 14.06 0.08
CA THR A 312 10.97 13.60 0.42
C THR A 312 11.80 14.72 1.03
N LYS A 313 12.48 14.43 2.14
CA LYS A 313 13.37 15.39 2.76
C LYS A 313 14.78 14.82 2.64
N GLU A 314 15.67 15.59 2.01
CA GLU A 314 17.10 15.27 1.92
C GLU A 314 17.85 15.85 3.10
N VAL A 315 18.51 15.01 3.88
CA VAL A 315 19.13 15.48 5.12
C VAL A 315 20.44 16.20 4.79
N LYS A 316 20.64 17.38 5.38
CA LYS A 316 21.77 18.24 5.03
C LYS A 316 23.05 17.79 5.75
N ASP A 317 24.14 17.57 4.98
CA ASP A 317 25.44 17.02 5.43
C ASP A 317 26.19 17.80 6.52
#